data_8S5B
#
_entry.id   8S5B
#
_cell.length_a   53.777
_cell.length_b   65.851
_cell.length_c   107.018
_cell.angle_alpha   90.000
_cell.angle_beta   90.000
_cell.angle_gamma   90.000
#
_symmetry.space_group_name_H-M   'P 21 21 21'
#
loop_
_entity.id
_entity.type
_entity.pdbx_description
1 polymer 'Sulfoquinovosyl glycerol-binding protein SmoF'
2 non-polymer '[(2~{S},3~{S},4~{S},5~{R},6~{S})-6-octoxy-3,4,5-tris(oxidanyl)oxan-2-yl]methanesulfonic acid'
3 water water
#
_entity_poly.entity_id   1
_entity_poly.type   'polypeptide(L)'
_entity_poly.pdbx_seq_one_letter_code
;MDAELKIFVSSQHQPDIWRKALDQYEAKTPGVKVVIETGGNTSEMQAQYLNTVMSAKDSSLDVLMLDVIRPAQFATAGWT
SDFSGKDLSAYLPTYAEANTVNGKIVALPAFADSMFLYYRKDLLDKYGIKPPTTWDELKEASKKVMEGEKNPELQGLSFQ
GKAIEGAVCTFLLPYWSEGKSLVENGKLNFDNKAAVDSLKLWKSFVDDGISKKNISEVATDDTRKEFQAGKVLFAVNWSY
AWTHFQGKESQVNDKVGVARLPAVKGGEQTTCLGGWEFGVSAYSKQQDEAKKLVEYLSSQDVSKFMAINAALLPTYAALY
KDADVTKTIPWFADALPVVETAKARPVTPRYNEVSETIRTTVNGVLAGVMTPEDGAKQMESRLRRVLRLEHHHHHH
;
_entity_poly.pdbx_strand_id   A
#
# COMPACT_ATOMS: atom_id res chain seq x y z
N ASP A 2 2.85 -15.81 -31.35
CA ASP A 2 2.09 -16.80 -30.53
C ASP A 2 2.75 -16.93 -29.14
N ALA A 3 1.92 -17.12 -28.09
CA ALA A 3 2.35 -17.25 -26.67
C ALA A 3 1.15 -17.53 -25.74
N GLU A 4 1.34 -18.45 -24.78
CA GLU A 4 0.58 -18.58 -23.51
C GLU A 4 1.38 -17.91 -22.40
N LEU A 5 1.05 -16.68 -22.02
CA LEU A 5 1.81 -15.91 -20.99
C LEU A 5 1.22 -16.18 -19.62
N LYS A 6 2.07 -16.19 -18.59
CA LYS A 6 1.67 -16.41 -17.18
C LYS A 6 2.05 -15.14 -16.43
N ILE A 7 1.07 -14.46 -15.82
CA ILE A 7 1.29 -13.22 -15.06
C ILE A 7 0.96 -13.51 -13.59
N PHE A 8 1.91 -13.21 -12.71
CA PHE A 8 1.67 -13.20 -11.25
C PHE A 8 1.01 -11.87 -10.83
N VAL A 9 -0.29 -11.91 -10.57
CA VAL A 9 -1.06 -10.81 -9.92
C VAL A 9 -1.86 -11.46 -8.79
N SER A 10 -1.47 -11.13 -7.55
CA SER A 10 -1.85 -11.88 -6.33
C SER A 10 -2.53 -10.92 -5.35
N ILE A 17 -10.05 -7.03 -11.53
CA ILE A 17 -10.27 -6.11 -12.69
C ILE A 17 -9.09 -6.24 -13.66
N TRP A 18 -7.94 -6.74 -13.20
CA TRP A 18 -6.77 -6.95 -14.12
C TRP A 18 -7.17 -7.93 -15.25
N ARG A 19 -8.05 -8.92 -14.97
CA ARG A 19 -8.56 -9.87 -15.99
C ARG A 19 -9.19 -9.13 -17.17
N LYS A 20 -9.96 -8.07 -16.89
CA LYS A 20 -10.57 -7.19 -17.92
C LYS A 20 -9.46 -6.60 -18.82
N ALA A 21 -8.38 -6.07 -18.25
CA ALA A 21 -7.27 -5.44 -19.01
C ALA A 21 -6.61 -6.52 -19.90
N LEU A 22 -6.48 -7.73 -19.36
CA LEU A 22 -5.82 -8.87 -20.06
C LEU A 22 -6.70 -9.33 -21.22
N ASP A 23 -8.01 -9.22 -21.08
CA ASP A 23 -8.99 -9.60 -22.14
C ASP A 23 -8.87 -8.60 -23.30
N GLN A 24 -8.61 -7.32 -23.01
CA GLN A 24 -8.46 -6.28 -24.07
C GLN A 24 -7.18 -6.57 -24.86
N TYR A 25 -6.08 -6.89 -24.18
CA TYR A 25 -4.80 -7.20 -24.86
C TYR A 25 -5.04 -8.40 -25.79
N GLU A 26 -5.67 -9.46 -25.29
CA GLU A 26 -5.96 -10.70 -26.05
C GLU A 26 -6.81 -10.35 -27.27
N ALA A 27 -7.77 -9.44 -27.13
CA ALA A 27 -8.71 -9.07 -28.22
C ALA A 27 -7.97 -8.29 -29.31
N LYS A 28 -6.86 -7.61 -29.01
CA LYS A 28 -6.09 -6.85 -30.04
C LYS A 28 -4.81 -7.60 -30.44
N THR A 29 -4.51 -8.75 -29.84
CA THR A 29 -3.24 -9.48 -30.08
C THR A 29 -3.56 -10.92 -30.40
N PRO A 30 -3.86 -11.28 -31.67
CA PRO A 30 -4.20 -12.67 -31.98
C PRO A 30 -3.02 -13.60 -31.69
N GLY A 31 -3.30 -14.78 -31.13
CA GLY A 31 -2.32 -15.84 -30.88
C GLY A 31 -1.66 -15.66 -29.51
N VAL A 32 -2.07 -14.63 -28.76
CA VAL A 32 -1.58 -14.40 -27.36
C VAL A 32 -2.76 -14.54 -26.38
N LYS A 33 -2.64 -15.49 -25.45
CA LYS A 33 -3.57 -15.70 -24.30
C LYS A 33 -2.74 -15.47 -23.03
N VAL A 34 -3.37 -14.92 -21.99
CA VAL A 34 -2.67 -14.61 -20.69
C VAL A 34 -3.46 -15.24 -19.57
N VAL A 35 -2.76 -15.93 -18.67
CA VAL A 35 -3.35 -16.66 -17.51
C VAL A 35 -2.75 -16.04 -16.24
N ILE A 36 -3.60 -15.74 -15.26
CA ILE A 36 -3.18 -15.12 -13.96
C ILE A 36 -2.74 -16.23 -13.02
N GLU A 37 -1.64 -16.03 -12.30
CA GLU A 37 -1.16 -16.99 -11.27
C GLU A 37 -1.01 -16.22 -9.97
N THR A 38 -1.06 -16.92 -8.83
CA THR A 38 -1.10 -16.28 -7.49
C THR A 38 -0.18 -17.03 -6.53
N GLY A 39 0.03 -16.42 -5.37
CA GLY A 39 0.93 -16.93 -4.31
C GLY A 39 0.99 -15.92 -3.20
N GLY A 40 -0.06 -15.84 -2.39
CA GLY A 40 -0.13 -15.02 -1.17
C GLY A 40 -1.01 -13.82 -1.36
N ASN A 41 -1.58 -13.27 -0.30
CA ASN A 41 -2.47 -12.06 -0.34
C ASN A 41 -1.61 -10.81 -0.09
N THR A 42 -1.04 -10.68 1.09
CA THR A 42 -0.23 -9.50 1.45
C THR A 42 1.16 -9.63 0.81
N SER A 43 1.80 -8.49 0.60
CA SER A 43 3.00 -8.35 -0.26
C SER A 43 4.14 -9.22 0.27
N GLU A 44 4.39 -9.23 1.60
CA GLU A 44 5.48 -10.07 2.15
C GLU A 44 5.23 -11.54 1.79
N MET A 45 3.99 -12.01 1.77
CA MET A 45 3.68 -13.43 1.39
C MET A 45 4.08 -13.66 -0.08
N GLN A 46 3.74 -12.67 -0.93
CA GLN A 46 4.07 -12.73 -2.38
C GLN A 46 5.58 -12.73 -2.54
N ALA A 47 6.29 -11.90 -1.79
CA ALA A 47 7.78 -11.82 -1.82
C ALA A 47 8.38 -13.17 -1.43
N GLN A 48 7.96 -13.77 -0.32
CA GLN A 48 8.52 -15.07 0.16
C GLN A 48 8.36 -16.11 -0.96
N TYR A 49 7.18 -16.18 -1.55
CA TYR A 49 6.91 -17.10 -2.68
C TYR A 49 7.83 -16.81 -3.87
N LEU A 50 7.87 -15.58 -4.36
CA LEU A 50 8.67 -15.23 -5.55
C LEU A 50 10.15 -15.49 -5.28
N ASN A 51 10.65 -15.26 -4.07
CA ASN A 51 12.04 -15.57 -3.68
C ASN A 51 12.34 -17.04 -3.97
N THR A 52 11.42 -17.94 -3.63
CA THR A 52 11.62 -19.40 -3.78
C THR A 52 11.69 -19.75 -5.27
N VAL A 53 10.73 -19.32 -6.07
CA VAL A 53 10.65 -19.75 -7.50
C VAL A 53 11.73 -19.01 -8.30
N MET A 54 11.98 -17.72 -8.05
CA MET A 54 13.06 -16.97 -8.76
C MET A 54 14.44 -17.55 -8.41
N SER A 55 14.71 -17.83 -7.13
CA SER A 55 15.96 -18.48 -6.66
C SER A 55 16.23 -19.77 -7.42
N ALA A 56 15.17 -20.53 -7.71
CA ALA A 56 15.20 -21.86 -8.35
C ALA A 56 15.22 -21.71 -9.89
N LYS A 57 15.23 -20.49 -10.40
CA LYS A 57 15.25 -20.19 -11.88
C LYS A 57 14.04 -20.79 -12.57
N ASP A 58 12.87 -20.79 -11.94
CA ASP A 58 11.61 -21.35 -12.49
C ASP A 58 11.20 -20.52 -13.72
N SER A 59 10.99 -21.16 -14.87
CA SER A 59 10.63 -20.46 -16.15
C SER A 59 9.11 -20.25 -16.32
N SER A 60 8.27 -20.76 -15.41
CA SER A 60 6.78 -20.82 -15.53
C SER A 60 6.19 -19.42 -15.69
N LEU A 61 6.54 -18.48 -14.81
CA LEU A 61 5.96 -17.12 -14.84
C LEU A 61 6.69 -16.27 -15.89
N ASP A 62 5.93 -15.48 -16.61
CA ASP A 62 6.48 -14.52 -17.61
C ASP A 62 6.54 -13.12 -17.01
N VAL A 63 5.43 -12.64 -16.43
CA VAL A 63 5.31 -11.23 -15.92
C VAL A 63 4.97 -11.28 -14.43
N LEU A 64 5.65 -10.45 -13.65
CA LEU A 64 5.49 -10.35 -12.18
C LEU A 64 4.96 -8.96 -11.80
N MET A 65 3.83 -8.91 -11.08
CA MET A 65 3.35 -7.67 -10.45
C MET A 65 4.09 -7.57 -9.13
N LEU A 66 4.87 -6.53 -8.96
CA LEU A 66 5.77 -6.41 -7.78
C LEU A 66 5.47 -5.12 -7.06
N ASP A 67 5.70 -5.12 -5.76
CA ASP A 67 5.43 -3.96 -4.90
C ASP A 67 6.56 -2.96 -5.16
N VAL A 68 6.26 -1.67 -4.92
CA VAL A 68 7.18 -0.51 -5.13
C VAL A 68 8.47 -0.71 -4.33
N ILE A 69 8.42 -1.52 -3.27
CA ILE A 69 9.58 -1.83 -2.37
C ILE A 69 10.47 -2.93 -2.98
N ARG A 70 10.16 -3.51 -4.15
CA ARG A 70 10.85 -4.73 -4.68
C ARG A 70 11.98 -4.47 -5.67
N PRO A 71 12.03 -3.40 -6.50
CA PRO A 71 13.03 -3.31 -7.59
C PRO A 71 14.50 -3.49 -7.19
N ALA A 72 14.93 -3.03 -6.01
CA ALA A 72 16.33 -3.18 -5.57
C ALA A 72 16.68 -4.66 -5.43
N GLN A 73 15.82 -5.43 -4.77
CA GLN A 73 16.03 -6.89 -4.63
C GLN A 73 16.03 -7.54 -6.01
N PHE A 74 14.99 -7.29 -6.81
CA PHE A 74 14.81 -8.02 -8.10
C PHE A 74 15.96 -7.67 -9.04
N ALA A 75 16.37 -6.40 -9.11
CA ALA A 75 17.49 -5.95 -9.95
C ALA A 75 18.80 -6.63 -9.52
N THR A 76 19.17 -6.55 -8.22
CA THR A 76 20.48 -7.02 -7.79
C THR A 76 20.54 -8.56 -7.89
N ALA A 77 19.44 -9.29 -7.75
CA ALA A 77 19.44 -10.76 -7.85
C ALA A 77 19.45 -11.16 -9.34
N GLY A 78 19.23 -10.19 -10.25
CA GLY A 78 19.09 -10.45 -11.69
C GLY A 78 17.88 -11.30 -11.99
N TRP A 79 16.75 -11.01 -11.32
CA TRP A 79 15.50 -11.79 -11.45
C TRP A 79 14.60 -11.21 -12.55
N THR A 80 14.90 -10.02 -13.05
CA THR A 80 14.09 -9.38 -14.11
C THR A 80 14.96 -9.03 -15.32
N SER A 81 14.30 -8.97 -16.46
CA SER A 81 14.84 -8.54 -17.76
C SER A 81 14.58 -7.04 -17.86
N ASP A 82 15.65 -6.24 -17.90
CA ASP A 82 15.57 -4.75 -17.93
C ASP A 82 14.97 -4.29 -19.25
N PHE A 83 14.19 -3.20 -19.20
CA PHE A 83 13.69 -2.47 -20.40
C PHE A 83 14.82 -1.57 -20.87
N SER A 84 15.69 -2.10 -21.74
CA SER A 84 16.90 -1.43 -22.25
C SER A 84 16.50 -0.14 -22.99
N GLY A 85 17.12 0.99 -22.63
CA GLY A 85 16.95 2.29 -23.30
C GLY A 85 15.56 2.89 -23.06
N LYS A 86 14.77 2.30 -22.15
CA LYS A 86 13.40 2.78 -21.83
C LYS A 86 13.50 4.11 -21.08
N ASP A 87 12.65 5.07 -21.48
CA ASP A 87 12.45 6.41 -20.86
C ASP A 87 11.21 6.34 -19.95
N LEU A 88 11.36 6.57 -18.62
CA LEU A 88 10.23 6.54 -17.65
C LEU A 88 9.66 7.96 -17.43
N SER A 89 10.05 8.96 -18.24
CA SER A 89 9.77 10.39 -17.96
C SER A 89 8.26 10.73 -18.02
N ALA A 90 7.43 9.94 -18.71
CA ALA A 90 5.96 10.15 -18.76
C ALA A 90 5.29 9.81 -17.42
N TYR A 91 5.94 9.03 -16.55
CA TYR A 91 5.36 8.56 -15.26
C TYR A 91 5.70 9.56 -14.15
N LEU A 92 4.93 9.54 -13.05
CA LEU A 92 5.21 10.34 -11.82
C LEU A 92 6.67 10.06 -11.45
N PRO A 93 7.49 11.10 -11.15
CA PRO A 93 8.93 10.91 -10.93
C PRO A 93 9.26 9.93 -9.80
N THR A 94 8.39 9.84 -8.80
CA THR A 94 8.58 8.97 -7.63
C THR A 94 8.57 7.52 -8.13
N TYR A 95 7.81 7.23 -9.20
CA TYR A 95 7.71 5.86 -9.77
C TYR A 95 8.80 5.63 -10.82
N ALA A 96 9.20 6.64 -11.59
CA ALA A 96 10.41 6.62 -12.43
C ALA A 96 11.62 6.26 -11.55
N GLU A 97 11.77 6.92 -10.41
CA GLU A 97 12.93 6.65 -9.51
C GLU A 97 12.85 5.22 -8.96
N ALA A 98 11.70 4.77 -8.46
CA ALA A 98 11.53 3.46 -7.76
C ALA A 98 11.91 2.32 -8.71
N ASN A 99 11.63 2.49 -10.00
CA ASN A 99 11.72 1.42 -11.03
C ASN A 99 13.07 1.51 -11.76
N THR A 100 13.96 2.42 -11.32
CA THR A 100 15.33 2.60 -11.84
C THR A 100 16.33 2.12 -10.78
N VAL A 101 17.25 1.22 -11.14
CA VAL A 101 18.28 0.72 -10.19
C VAL A 101 19.62 0.74 -10.91
N ASN A 102 20.58 1.49 -10.37
CA ASN A 102 21.92 1.73 -10.98
C ASN A 102 21.72 1.92 -12.49
N GLY A 103 20.76 2.75 -12.88
CA GLY A 103 20.61 3.26 -14.25
C GLY A 103 19.85 2.32 -15.16
N LYS A 104 19.43 1.14 -14.68
CA LYS A 104 18.65 0.19 -15.50
C LYS A 104 17.15 0.32 -15.15
N ILE A 105 16.29 0.21 -16.17
CA ILE A 105 14.83 0.26 -15.98
C ILE A 105 14.38 -1.17 -15.67
N VAL A 106 14.08 -1.45 -14.41
CA VAL A 106 13.84 -2.82 -13.84
C VAL A 106 12.43 -3.33 -14.17
N ALA A 107 11.47 -2.42 -14.37
CA ALA A 107 10.02 -2.73 -14.44
C ALA A 107 9.29 -1.46 -14.87
N LEU A 108 8.05 -1.57 -15.34
CA LEU A 108 7.23 -0.38 -15.68
C LEU A 108 6.14 -0.25 -14.65
N PRO A 109 5.87 1.00 -14.19
CA PRO A 109 4.78 1.27 -13.25
C PRO A 109 3.45 0.63 -13.65
N ALA A 110 2.76 0.01 -12.68
CA ALA A 110 1.41 -0.56 -12.91
C ALA A 110 0.35 0.39 -12.36
N PHE A 111 0.49 0.81 -11.10
CA PHE A 111 -0.40 1.78 -10.46
C PHE A 111 0.30 2.41 -9.26
N ALA A 112 0.02 3.68 -9.00
CA ALA A 112 0.46 4.41 -7.79
C ALA A 112 -0.36 3.95 -6.57
N ASP A 113 0.05 4.35 -5.36
CA ASP A 113 -0.80 4.16 -4.18
C ASP A 113 -0.22 4.98 -3.04
N SER A 114 -1.09 5.33 -2.10
CA SER A 114 -0.74 6.02 -0.83
C SER A 114 -1.80 5.67 0.22
N MET A 115 -1.45 5.73 1.50
CA MET A 115 -2.44 5.56 2.56
C MET A 115 -3.22 6.87 2.79
N PHE A 116 -4.53 6.72 2.89
CA PHE A 116 -5.49 7.81 3.22
C PHE A 116 -6.25 7.42 4.49
N LEU A 117 -6.91 8.42 5.05
CA LEU A 117 -7.93 8.24 6.11
C LEU A 117 -9.31 8.20 5.46
N TYR A 118 -9.91 7.02 5.41
CA TYR A 118 -11.34 6.87 5.09
C TYR A 118 -12.11 7.15 6.35
N TYR A 119 -13.22 7.87 6.26
CA TYR A 119 -14.10 8.09 7.41
C TYR A 119 -15.56 8.01 6.97
N ARG A 120 -16.39 7.70 7.96
CA ARG A 120 -17.87 7.71 7.83
C ARG A 120 -18.32 9.18 7.89
N LYS A 121 -18.56 9.80 6.75
CA LYS A 121 -18.88 11.25 6.69
C LYS A 121 -20.30 11.39 7.25
N ASP A 122 -21.13 10.34 7.18
CA ASP A 122 -22.49 10.38 7.78
C ASP A 122 -22.37 10.53 9.30
N LEU A 123 -21.51 9.74 9.90
CA LEU A 123 -21.31 9.80 11.37
C LEU A 123 -20.65 11.12 11.75
N LEU A 124 -19.60 11.57 11.05
CA LEU A 124 -18.95 12.86 11.42
C LEU A 124 -20.01 13.95 11.31
N ASP A 125 -20.79 13.96 10.23
CA ASP A 125 -21.81 14.99 9.96
C ASP A 125 -22.89 14.97 11.06
N LYS A 126 -23.32 13.80 11.51
CA LYS A 126 -24.36 13.73 12.57
C LYS A 126 -23.84 14.44 13.82
N TYR A 127 -22.55 14.34 14.09
CA TYR A 127 -21.96 14.83 15.37
C TYR A 127 -21.28 16.19 15.21
N GLY A 128 -21.35 16.79 14.02
CA GLY A 128 -20.72 18.10 13.74
C GLY A 128 -19.17 18.09 13.82
N ILE A 129 -18.53 17.01 13.42
CA ILE A 129 -17.07 16.84 13.55
C ILE A 129 -16.44 17.09 12.18
N LYS A 130 -15.32 17.83 12.14
CA LYS A 130 -14.48 17.97 10.93
C LYS A 130 -13.49 16.80 10.86
N PRO A 131 -13.06 16.41 9.63
CA PRO A 131 -12.04 15.37 9.49
C PRO A 131 -10.85 15.73 10.36
N PRO A 132 -10.35 14.82 11.21
CA PRO A 132 -9.29 15.13 12.17
C PRO A 132 -7.93 15.37 11.48
N THR A 133 -7.15 16.35 11.94
CA THR A 133 -5.83 16.69 11.37
C THR A 133 -4.72 16.21 12.31
N THR A 134 -5.08 15.76 13.51
CA THR A 134 -4.14 15.11 14.45
C THR A 134 -4.75 13.83 15.02
N TRP A 135 -3.91 12.91 15.45
CA TRP A 135 -4.33 11.66 16.14
C TRP A 135 -5.13 12.05 17.38
N ASP A 136 -4.76 13.13 18.07
CA ASP A 136 -5.50 13.63 19.25
C ASP A 136 -6.93 13.98 18.80
N GLU A 137 -7.09 14.72 17.70
CA GLU A 137 -8.44 15.06 17.18
C GLU A 137 -9.18 13.78 16.77
N LEU A 138 -8.48 12.78 16.25
CA LEU A 138 -9.13 11.51 15.85
C LEU A 138 -9.64 10.79 17.09
N LYS A 139 -8.87 10.83 18.20
CA LYS A 139 -9.29 10.17 19.45
C LYS A 139 -10.55 10.87 19.97
N GLU A 140 -10.57 12.18 19.95
CA GLU A 140 -11.68 12.99 20.52
C GLU A 140 -12.92 12.77 19.67
N ALA A 141 -12.78 12.69 18.35
CA ALA A 141 -13.90 12.38 17.44
C ALA A 141 -14.44 10.97 17.75
N SER A 142 -13.58 9.95 17.78
CA SER A 142 -14.00 8.56 18.09
C SER A 142 -14.80 8.53 19.40
N LYS A 143 -14.27 9.11 20.49
CA LYS A 143 -14.95 9.11 21.82
C LYS A 143 -16.35 9.73 21.68
N LYS A 144 -16.47 10.87 20.99
CA LYS A 144 -17.75 11.61 20.85
C LYS A 144 -18.74 10.74 20.07
N VAL A 145 -18.30 10.15 18.96
CA VAL A 145 -19.20 9.32 18.10
C VAL A 145 -19.58 8.06 18.88
N MET A 146 -18.61 7.39 19.51
CA MET A 146 -18.89 6.14 20.26
C MET A 146 -19.88 6.42 21.41
N GLU A 147 -19.81 7.57 22.09
CA GLU A 147 -20.71 7.91 23.24
C GLU A 147 -22.15 8.07 22.75
N GLY A 148 -22.32 8.67 21.57
CA GLY A 148 -23.64 8.87 20.94
C GLY A 148 -24.22 7.59 20.40
N GLU A 149 -23.41 6.75 19.75
CA GLU A 149 -23.94 5.65 18.91
C GLU A 149 -24.36 4.47 19.82
N LYS A 150 -23.73 4.32 20.99
CA LYS A 150 -23.98 3.23 21.97
C LYS A 150 -24.03 1.88 21.22
N ASN A 151 -23.03 1.61 20.37
CA ASN A 151 -23.03 0.52 19.36
C ASN A 151 -21.76 -0.28 19.60
N PRO A 152 -21.82 -1.42 20.35
CA PRO A 152 -20.62 -2.18 20.66
C PRO A 152 -19.90 -2.72 19.41
N GLU A 153 -20.57 -2.75 18.25
CA GLU A 153 -19.93 -3.24 17.00
C GLU A 153 -19.14 -2.12 16.30
N LEU A 154 -19.28 -0.86 16.72
CA LEU A 154 -18.66 0.28 16.01
C LEU A 154 -17.25 0.48 16.57
N GLN A 155 -16.25 0.24 15.73
CA GLN A 155 -14.80 0.49 16.03
C GLN A 155 -14.48 1.95 15.76
N GLY A 156 -13.72 2.62 16.64
CA GLY A 156 -13.23 3.98 16.35
C GLY A 156 -12.28 4.02 15.17
N LEU A 157 -11.23 3.19 15.20
CA LEU A 157 -10.10 3.24 14.23
C LEU A 157 -9.65 1.82 13.87
N SER A 158 -9.73 1.48 12.59
CA SER A 158 -9.12 0.25 12.03
C SER A 158 -7.82 0.63 11.31
N PHE A 159 -6.72 -0.05 11.69
CA PHE A 159 -5.36 0.07 11.10
C PHE A 159 -4.72 -1.32 11.12
N GLN A 160 -3.61 -1.51 10.40
CA GLN A 160 -3.06 -2.87 10.22
C GLN A 160 -2.05 -3.16 11.35
N GLY A 161 -2.33 -4.21 12.14
CA GLY A 161 -1.43 -4.64 13.23
C GLY A 161 -0.92 -6.06 13.01
N LYS A 162 -1.44 -6.78 12.03
CA LYS A 162 -0.94 -8.14 11.69
C LYS A 162 0.50 -8.01 11.18
N ALA A 163 1.31 -9.05 11.38
CA ALA A 163 2.72 -9.14 10.94
C ALA A 163 2.76 -9.24 9.41
N ILE A 164 2.33 -8.18 8.73
CA ILE A 164 2.22 -8.13 7.24
C ILE A 164 2.97 -6.87 6.77
N GLU A 165 3.20 -6.70 5.48
CA GLU A 165 3.91 -5.51 4.94
C GLU A 165 3.22 -4.24 5.42
N GLY A 166 1.88 -4.23 5.46
CA GLY A 166 1.08 -3.07 5.87
C GLY A 166 1.53 -2.52 7.22
N ALA A 167 1.94 -3.38 8.13
CA ALA A 167 2.36 -2.98 9.50
C ALA A 167 3.68 -2.21 9.47
N VAL A 168 4.56 -2.46 8.48
CA VAL A 168 5.74 -1.57 8.24
C VAL A 168 5.22 -0.14 8.03
N CYS A 169 4.40 0.08 7.01
CA CYS A 169 3.69 1.37 6.82
C CYS A 169 3.10 1.92 8.15
N THR A 170 2.38 1.12 8.93
CA THR A 170 1.72 1.53 10.20
C THR A 170 2.82 2.16 11.09
N PHE A 171 3.92 1.44 11.30
CA PHE A 171 5.04 1.92 12.17
C PHE A 171 5.57 3.28 11.73
N LEU A 172 5.66 3.51 10.42
CA LEU A 172 6.40 4.69 9.89
C LEU A 172 5.51 5.93 9.88
N LEU A 173 4.18 5.79 9.81
CA LEU A 173 3.28 6.97 9.74
C LEU A 173 3.61 7.98 10.86
N PRO A 174 3.64 7.59 12.15
CA PRO A 174 3.92 8.56 13.21
C PRO A 174 5.40 8.99 13.27
N TYR A 175 6.30 8.08 12.88
CA TYR A 175 7.77 8.32 12.81
C TYR A 175 8.04 9.45 11.82
N TRP A 176 7.52 9.31 10.60
CA TRP A 176 7.64 10.32 9.54
C TRP A 176 6.95 11.63 9.95
N SER A 177 5.78 11.53 10.58
CA SER A 177 4.95 12.71 10.95
C SER A 177 5.79 13.63 11.86
N GLU A 178 6.53 13.05 12.81
CA GLU A 178 7.46 13.73 13.75
C GLU A 178 8.69 14.31 13.02
N GLY A 179 8.82 14.06 11.72
CA GLY A 179 9.86 14.69 10.88
C GLY A 179 11.11 13.84 10.75
N LYS A 180 11.09 12.59 11.23
CA LYS A 180 12.28 11.70 11.22
C LYS A 180 12.32 10.86 9.94
N SER A 181 13.51 10.35 9.63
CA SER A 181 13.75 9.40 8.51
C SER A 181 14.51 8.18 9.06
N LEU A 182 14.30 7.02 8.45
CA LEU A 182 14.96 5.75 8.84
C LEU A 182 16.39 5.69 8.26
N VAL A 183 16.59 6.16 7.02
CA VAL A 183 17.86 6.01 6.24
C VAL A 183 18.47 7.41 6.00
N LYS A 187 22.41 5.33 4.93
CA LYS A 187 22.89 5.07 6.32
C LYS A 187 21.69 5.00 7.27
N LEU A 188 21.62 3.95 8.11
CA LEU A 188 20.54 3.83 9.13
C LEU A 188 20.62 5.02 10.07
N ASN A 189 19.48 5.60 10.40
CA ASN A 189 19.37 6.86 11.17
C ASN A 189 18.24 6.75 12.19
N PHE A 190 18.29 5.72 13.02
CA PHE A 190 17.17 5.26 13.89
C PHE A 190 16.95 6.26 15.00
N ASP A 191 15.79 6.92 15.00
CA ASP A 191 15.39 7.81 16.11
C ASP A 191 14.60 6.98 17.11
N ASN A 192 15.23 6.61 18.22
CA ASN A 192 14.60 5.81 19.29
C ASN A 192 13.34 6.50 19.83
N LYS A 193 13.43 7.76 20.30
CA LYS A 193 12.25 8.51 20.84
C LYS A 193 11.06 8.36 19.89
N ALA A 194 11.23 8.64 18.59
CA ALA A 194 10.12 8.59 17.59
C ALA A 194 9.65 7.15 17.34
N ALA A 195 10.54 6.15 17.37
CA ALA A 195 10.14 4.73 17.24
C ALA A 195 9.25 4.30 18.43
N VAL A 196 9.66 4.58 19.67
CA VAL A 196 8.82 4.26 20.84
C VAL A 196 7.48 5.03 20.75
N ASP A 197 7.52 6.30 20.31
CA ASP A 197 6.35 7.21 20.20
C ASP A 197 5.39 6.58 19.20
N SER A 198 5.91 6.03 18.10
CA SER A 198 5.07 5.36 17.09
C SER A 198 4.40 4.16 17.75
N LEU A 199 5.19 3.26 18.34
CA LEU A 199 4.64 2.01 18.94
C LEU A 199 3.66 2.37 20.07
N LYS A 200 3.93 3.41 20.86
CA LYS A 200 3.02 3.85 21.96
C LYS A 200 1.69 4.36 21.41
N LEU A 201 1.73 5.11 20.32
CA LEU A 201 0.50 5.67 19.71
C LEU A 201 -0.41 4.50 19.33
N TRP A 202 0.07 3.55 18.53
CA TRP A 202 -0.77 2.41 18.05
C TRP A 202 -1.27 1.58 19.22
N LYS A 203 -0.43 1.37 20.24
CA LYS A 203 -0.84 0.69 21.49
C LYS A 203 -1.98 1.49 22.16
N SER A 204 -1.86 2.82 22.21
CA SER A 204 -2.81 3.71 22.95
C SER A 204 -4.24 3.53 22.42
N PHE A 205 -4.45 3.20 21.14
CA PHE A 205 -5.80 3.02 20.55
C PHE A 205 -6.47 1.76 21.12
N VAL A 206 -5.68 0.73 21.31
CA VAL A 206 -6.09 -0.58 21.88
C VAL A 206 -6.37 -0.37 23.38
N ASP A 207 -5.50 0.35 24.07
CA ASP A 207 -5.65 0.55 25.54
C ASP A 207 -6.89 1.42 25.85
N ASP A 208 -7.23 2.39 24.99
CA ASP A 208 -8.29 3.44 25.12
CA ASP A 208 -8.32 3.37 25.25
C ASP A 208 -9.63 2.89 24.61
N GLY A 209 -9.58 1.77 23.88
CA GLY A 209 -10.75 1.09 23.30
C GLY A 209 -11.14 1.71 21.95
N ILE A 210 -10.40 2.72 21.48
CA ILE A 210 -10.73 3.37 20.18
C ILE A 210 -10.51 2.37 19.03
N SER A 211 -9.53 1.47 19.14
CA SER A 211 -9.35 0.30 18.23
C SER A 211 -9.66 -1.00 19.00
N LYS A 212 -10.13 -2.02 18.29
CA LYS A 212 -10.54 -3.30 18.92
C LYS A 212 -9.34 -4.03 19.53
N LYS A 213 -9.61 -4.80 20.59
CA LYS A 213 -8.61 -5.50 21.45
C LYS A 213 -7.66 -6.35 20.57
N ASN A 214 -8.12 -6.90 19.44
CA ASN A 214 -7.30 -7.81 18.61
C ASN A 214 -6.91 -7.16 17.27
N ILE A 215 -6.53 -5.88 17.29
CA ILE A 215 -6.04 -5.18 16.08
C ILE A 215 -4.78 -5.88 15.57
N SER A 216 -4.03 -6.54 16.45
CA SER A 216 -2.84 -7.33 16.04
C SER A 216 -3.20 -8.44 15.04
N GLU A 217 -4.48 -8.75 14.80
CA GLU A 217 -4.91 -9.81 13.86
C GLU A 217 -5.39 -9.15 12.56
N VAL A 218 -5.29 -7.82 12.41
CA VAL A 218 -5.99 -7.09 11.32
C VAL A 218 -5.00 -6.81 10.18
N ALA A 219 -5.30 -7.38 9.00
CA ALA A 219 -4.61 -7.16 7.71
C ALA A 219 -5.32 -6.08 6.88
N THR A 220 -4.65 -5.64 5.84
CA THR A 220 -5.18 -4.58 4.93
C THR A 220 -6.65 -4.83 4.58
N ASP A 221 -6.98 -6.03 4.12
CA ASP A 221 -8.32 -6.28 3.54
C ASP A 221 -9.34 -6.59 4.63
N ASP A 222 -8.88 -6.89 5.86
CA ASP A 222 -9.76 -6.92 7.05
C ASP A 222 -10.28 -5.51 7.35
N THR A 223 -9.41 -4.50 7.39
CA THR A 223 -9.79 -3.09 7.57
C THR A 223 -10.84 -2.74 6.51
N ARG A 224 -10.56 -3.13 5.27
CA ARG A 224 -11.45 -2.86 4.11
C ARG A 224 -12.83 -3.48 4.37
N LYS A 225 -12.90 -4.79 4.64
CA LYS A 225 -14.18 -5.53 4.83
C LYS A 225 -14.96 -4.96 6.01
N GLU A 226 -14.30 -4.72 7.16
CA GLU A 226 -14.96 -4.25 8.38
C GLU A 226 -15.55 -2.83 8.18
N PHE A 227 -14.83 -1.94 7.53
CA PHE A 227 -15.34 -0.57 7.27
C PHE A 227 -16.51 -0.66 6.31
N GLN A 228 -16.34 -1.52 5.31
CA GLN A 228 -17.36 -1.72 4.24
C GLN A 228 -18.68 -2.24 4.84
N ALA A 229 -18.59 -3.05 5.90
CA ALA A 229 -19.75 -3.65 6.61
C ALA A 229 -20.38 -2.63 7.57
N GLY A 230 -19.81 -1.43 7.72
CA GLY A 230 -20.41 -0.35 8.54
C GLY A 230 -19.90 -0.38 9.98
N LYS A 231 -18.84 -1.14 10.26
CA LYS A 231 -18.39 -1.43 11.65
C LYS A 231 -17.28 -0.46 12.07
N VAL A 232 -16.89 0.50 11.23
CA VAL A 232 -15.67 1.30 11.52
C VAL A 232 -15.91 2.76 11.19
N LEU A 233 -15.58 3.64 12.15
CA LEU A 233 -15.68 5.10 11.97
C LEU A 233 -14.53 5.61 11.10
N PHE A 234 -13.29 5.24 11.45
CA PHE A 234 -12.04 5.69 10.80
C PHE A 234 -11.22 4.47 10.34
N ALA A 235 -10.74 4.51 9.11
CA ALA A 235 -9.89 3.45 8.54
C ALA A 235 -8.68 4.00 7.78
N VAL A 236 -7.50 3.45 8.12
CA VAL A 236 -6.22 3.62 7.38
C VAL A 236 -6.22 2.61 6.24
N ASN A 237 -6.22 3.06 5.00
CA ASN A 237 -6.15 2.08 3.90
C ASN A 237 -5.69 2.78 2.62
N TRP A 238 -5.70 2.00 1.55
CA TRP A 238 -5.13 2.35 0.22
C TRP A 238 -6.29 2.62 -0.72
N SER A 239 -6.01 3.08 -1.93
CA SER A 239 -7.09 3.66 -2.76
C SER A 239 -8.06 2.56 -3.21
N TYR A 240 -7.57 1.33 -3.38
CA TYR A 240 -8.37 0.23 -4.00
C TYR A 240 -9.68 0.01 -3.21
N ALA A 241 -9.69 0.24 -1.89
CA ALA A 241 -10.86 0.12 -0.98
C ALA A 241 -12.10 0.81 -1.54
N TRP A 242 -11.91 1.98 -2.16
CA TRP A 242 -12.99 2.86 -2.67
C TRP A 242 -13.98 2.09 -3.53
N THR A 243 -13.51 1.33 -4.51
CA THR A 243 -14.42 0.61 -5.46
C THR A 243 -15.34 -0.31 -4.65
N HIS A 244 -14.79 -0.90 -3.59
CA HIS A 244 -15.52 -1.90 -2.76
C HIS A 244 -16.58 -1.15 -1.94
N PHE A 245 -16.18 -0.03 -1.33
CA PHE A 245 -17.05 0.86 -0.54
C PHE A 245 -18.26 1.30 -1.35
N GLN A 246 -18.07 1.53 -2.65
CA GLN A 246 -19.16 2.08 -3.51
C GLN A 246 -19.76 1.00 -4.41
N GLY A 247 -19.40 -0.28 -4.21
CA GLY A 247 -19.87 -1.43 -5.01
C GLY A 247 -21.17 -2.01 -4.46
N LYS A 248 -21.51 -3.23 -4.87
CA LYS A 248 -22.88 -3.83 -4.75
C LYS A 248 -23.09 -4.55 -3.41
N GLU A 249 -22.05 -4.81 -2.62
CA GLU A 249 -22.17 -5.53 -1.33
C GLU A 249 -21.52 -4.70 -0.22
N SER A 250 -21.85 -3.42 -0.19
CA SER A 250 -21.38 -2.43 0.82
C SER A 250 -22.54 -1.93 1.67
N GLN A 251 -22.26 -1.61 2.94
CA GLN A 251 -23.20 -0.90 3.84
C GLN A 251 -22.86 0.60 3.85
N VAL A 252 -21.86 1.03 3.08
CA VAL A 252 -21.34 2.43 3.23
C VAL A 252 -21.39 3.20 1.93
N ASN A 253 -22.06 2.70 0.92
CA ASN A 253 -22.18 3.51 -0.32
C ASN A 253 -22.64 4.94 -0.01
N ASP A 254 -21.92 5.94 -0.53
CA ASP A 254 -22.20 7.40 -0.44
C ASP A 254 -21.99 7.90 0.99
N LYS A 255 -21.42 7.08 1.87
CA LYS A 255 -21.26 7.44 3.31
C LYS A 255 -19.78 7.59 3.65
N VAL A 256 -18.90 7.63 2.63
CA VAL A 256 -17.41 7.59 2.80
C VAL A 256 -16.78 8.91 2.37
N GLY A 257 -16.07 9.53 3.31
CA GLY A 257 -15.14 10.66 3.08
C GLY A 257 -13.71 10.14 3.03
N VAL A 258 -12.84 10.86 2.33
CA VAL A 258 -11.39 10.54 2.22
C VAL A 258 -10.56 11.78 2.59
N ALA A 259 -9.72 11.66 3.60
CA ALA A 259 -8.84 12.76 4.06
C ALA A 259 -7.36 12.31 4.07
N ARG A 260 -6.44 13.26 4.10
CA ARG A 260 -5.02 13.01 4.42
C ARG A 260 -4.98 12.44 5.84
N LEU A 261 -4.03 11.56 6.11
CA LEU A 261 -3.86 10.96 7.46
C LEU A 261 -3.63 12.05 8.49
N PRO A 262 -4.16 11.87 9.72
CA PRO A 262 -3.83 12.80 10.79
C PRO A 262 -2.31 12.86 10.98
N ALA A 263 -1.83 13.96 11.54
CA ALA A 263 -0.44 14.14 12.01
C ALA A 263 -0.36 13.79 13.50
N VAL A 264 0.83 13.47 13.96
CA VAL A 264 1.18 13.48 15.41
C VAL A 264 1.22 14.95 15.86
N LYS A 265 0.89 15.19 17.13
CA LYS A 265 0.87 16.53 17.78
C LYS A 265 2.11 17.29 17.33
N GLY A 266 1.92 18.36 16.56
CA GLY A 266 2.99 19.28 16.14
C GLY A 266 3.74 18.83 14.89
N GLY A 267 3.32 17.74 14.25
CA GLY A 267 3.99 17.15 13.07
C GLY A 267 3.23 17.41 11.77
N GLU A 268 3.68 16.78 10.69
CA GLU A 268 3.12 16.94 9.33
C GLU A 268 2.14 15.82 9.04
N GLN A 269 1.22 16.07 8.10
CA GLN A 269 0.25 15.05 7.67
C GLN A 269 0.88 14.20 6.57
N THR A 270 1.86 13.38 6.95
CA THR A 270 2.63 12.56 6.00
C THR A 270 1.93 11.22 5.83
N THR A 271 2.26 10.56 4.73
CA THR A 271 1.69 9.23 4.42
C THR A 271 2.80 8.38 3.82
N CYS A 272 2.51 7.11 3.66
CA CYS A 272 3.38 6.09 3.04
C CYS A 272 3.09 5.94 1.54
N LEU A 273 4.16 5.94 0.74
CA LEU A 273 4.09 5.63 -0.71
C LEU A 273 3.87 4.14 -0.89
N GLY A 274 3.00 3.76 -1.83
CA GLY A 274 2.81 2.36 -2.20
C GLY A 274 2.76 2.31 -3.71
N GLY A 275 2.10 1.30 -4.24
CA GLY A 275 1.94 1.14 -5.69
C GLY A 275 2.73 -0.05 -6.15
N TRP A 276 2.52 -0.44 -7.39
CA TRP A 276 3.05 -1.69 -7.95
C TRP A 276 3.54 -1.42 -9.37
N GLU A 277 4.33 -2.37 -9.88
CA GLU A 277 4.98 -2.34 -11.22
C GLU A 277 5.00 -3.75 -11.83
N PHE A 278 5.12 -3.82 -13.17
CA PHE A 278 5.21 -5.07 -13.94
C PHE A 278 6.67 -5.27 -14.37
N GLY A 279 7.26 -6.37 -13.94
CA GLY A 279 8.61 -6.81 -14.34
C GLY A 279 8.48 -8.00 -15.26
N VAL A 280 9.47 -8.20 -16.14
CA VAL A 280 9.59 -9.47 -16.90
C VAL A 280 10.63 -10.36 -16.23
N SER A 281 10.25 -11.60 -15.98
CA SER A 281 11.12 -12.62 -15.36
C SER A 281 12.36 -12.81 -16.25
N ALA A 282 13.53 -12.76 -15.65
CA ALA A 282 14.81 -13.12 -16.31
C ALA A 282 14.72 -14.55 -16.88
N TYR A 283 13.88 -15.43 -16.32
CA TYR A 283 13.79 -16.88 -16.62
C TYR A 283 12.63 -17.17 -17.57
N SER A 284 11.86 -16.15 -17.95
CA SER A 284 10.78 -16.26 -18.97
C SER A 284 11.39 -16.71 -20.30
N LYS A 285 10.72 -17.66 -20.94
CA LYS A 285 11.05 -18.25 -22.25
C LYS A 285 10.31 -17.48 -23.35
N GLN A 286 9.56 -16.43 -23.00
CA GLN A 286 8.74 -15.61 -23.93
C GLN A 286 9.01 -14.13 -23.64
N GLN A 287 10.28 -13.76 -23.55
CA GLN A 287 10.77 -12.41 -23.19
C GLN A 287 10.12 -11.32 -24.08
N ASP A 288 10.05 -11.51 -25.40
CA ASP A 288 9.57 -10.46 -26.35
C ASP A 288 8.08 -10.19 -26.14
N GLU A 289 7.25 -11.23 -26.06
CA GLU A 289 5.78 -11.09 -25.92
C GLU A 289 5.47 -10.61 -24.48
N ALA A 290 6.28 -10.99 -23.49
CA ALA A 290 6.10 -10.56 -22.09
C ALA A 290 6.29 -9.05 -22.03
N LYS A 291 7.36 -8.55 -22.65
CA LYS A 291 7.64 -7.08 -22.73
C LYS A 291 6.46 -6.38 -23.39
N LYS A 292 5.91 -6.93 -24.47
CA LYS A 292 4.81 -6.25 -25.20
C LYS A 292 3.55 -6.14 -24.33
N LEU A 293 3.21 -7.21 -23.60
CA LEU A 293 2.09 -7.25 -22.62
C LEU A 293 2.33 -6.16 -21.57
N VAL A 294 3.53 -6.09 -21.03
CA VAL A 294 3.87 -5.08 -19.97
C VAL A 294 3.77 -3.65 -20.53
N GLU A 295 4.19 -3.41 -21.78
CA GLU A 295 4.06 -2.07 -22.42
C GLU A 295 2.56 -1.69 -22.55
N TYR A 296 1.69 -2.65 -22.82
CA TYR A 296 0.21 -2.40 -22.84
C TYR A 296 -0.27 -2.15 -21.40
N LEU A 297 0.00 -3.07 -20.48
CA LEU A 297 -0.49 -2.95 -19.07
C LEU A 297 0.01 -1.63 -18.42
N SER A 298 1.16 -1.08 -18.83
CA SER A 298 1.72 0.16 -18.22
C SER A 298 1.40 1.39 -19.07
N SER A 299 0.48 1.27 -20.04
CA SER A 299 0.09 2.37 -20.95
C SER A 299 -0.89 3.30 -20.23
N GLN A 300 -1.06 4.51 -20.74
CA GLN A 300 -1.99 5.51 -20.14
C GLN A 300 -3.44 5.01 -20.25
N ASP A 301 -3.85 4.41 -21.37
CA ASP A 301 -5.23 3.94 -21.53
C ASP A 301 -5.59 2.94 -20.41
N VAL A 302 -4.66 2.03 -20.07
CA VAL A 302 -4.89 0.94 -19.07
C VAL A 302 -4.82 1.55 -17.67
N SER A 303 -3.88 2.48 -17.45
CA SER A 303 -3.84 3.29 -16.19
C SER A 303 -5.21 3.94 -15.92
N LYS A 304 -5.83 4.54 -16.94
CA LYS A 304 -7.14 5.24 -16.84
C LYS A 304 -8.20 4.21 -16.49
N PHE A 305 -8.26 3.09 -17.23
CA PHE A 305 -9.24 1.99 -17.05
C PHE A 305 -9.16 1.48 -15.61
N MET A 306 -7.96 1.31 -15.09
CA MET A 306 -7.76 0.79 -13.71
C MET A 306 -8.11 1.84 -12.64
N ALA A 307 -7.90 3.14 -12.88
CA ALA A 307 -8.40 4.22 -12.00
C ALA A 307 -9.93 4.14 -11.89
N ILE A 308 -10.66 4.06 -13.02
CA ILE A 308 -12.14 4.13 -13.09
C ILE A 308 -12.73 2.82 -12.54
N ASN A 309 -12.18 1.68 -12.94
CA ASN A 309 -12.84 0.37 -12.67
C ASN A 309 -12.38 -0.16 -11.30
N ALA A 310 -11.20 0.20 -10.81
CA ALA A 310 -10.71 -0.45 -9.58
C ALA A 310 -10.14 0.51 -8.57
N ALA A 311 -10.25 1.83 -8.78
CA ALA A 311 -9.72 2.87 -7.85
C ALA A 311 -8.23 2.66 -7.57
N LEU A 312 -7.48 2.23 -8.58
CA LEU A 312 -5.99 2.22 -8.55
C LEU A 312 -5.51 3.60 -9.01
N LEU A 313 -4.77 4.29 -8.14
CA LEU A 313 -4.27 5.67 -8.42
C LEU A 313 -3.37 5.61 -9.64
N PRO A 314 -3.53 6.54 -10.61
CA PRO A 314 -2.73 6.44 -11.83
C PRO A 314 -1.22 6.67 -11.63
N THR A 315 -0.45 6.13 -12.57
CA THR A 315 1.00 6.37 -12.70
C THR A 315 1.25 7.59 -13.59
N TYR A 316 0.22 8.15 -14.24
CA TYR A 316 0.32 9.37 -15.09
C TYR A 316 -0.36 10.55 -14.40
N ALA A 317 0.40 11.62 -14.13
CA ALA A 317 -0.07 12.87 -13.48
C ALA A 317 -1.38 13.37 -14.10
N ALA A 318 -1.49 13.37 -15.43
CA ALA A 318 -2.64 13.92 -16.18
C ALA A 318 -3.93 13.18 -15.84
N LEU A 319 -3.88 11.89 -15.50
CA LEU A 319 -5.09 11.09 -15.23
C LEU A 319 -5.72 11.49 -13.89
N TYR A 320 -5.00 12.19 -13.00
CA TYR A 320 -5.55 12.59 -11.68
C TYR A 320 -6.73 13.58 -11.85
N LYS A 321 -6.73 14.41 -12.90
CA LYS A 321 -7.76 15.43 -13.14
C LYS A 321 -8.41 15.24 -14.51
N ASP A 322 -8.22 14.08 -15.14
CA ASP A 322 -9.02 13.63 -16.31
C ASP A 322 -10.51 13.57 -15.89
N ALA A 323 -11.40 14.09 -16.72
CA ALA A 323 -12.82 14.35 -16.39
C ALA A 323 -13.56 13.01 -16.20
N ASP A 324 -13.19 11.96 -16.94
CA ASP A 324 -13.81 10.62 -16.77
C ASP A 324 -13.34 10.00 -15.44
N VAL A 325 -12.10 10.23 -15.04
CA VAL A 325 -11.57 9.69 -13.76
C VAL A 325 -12.24 10.41 -12.58
N THR A 326 -12.28 11.72 -12.55
CA THR A 326 -12.83 12.52 -11.41
C THR A 326 -14.35 12.36 -11.33
N LYS A 327 -15.02 12.07 -12.45
CA LYS A 327 -16.49 11.83 -12.49
C LYS A 327 -16.79 10.59 -11.65
N THR A 328 -15.97 9.56 -11.80
CA THR A 328 -16.10 8.27 -11.09
C THR A 328 -15.59 8.45 -9.66
N ILE A 329 -14.42 9.05 -9.47
CA ILE A 329 -13.81 9.17 -8.12
C ILE A 329 -13.34 10.60 -7.92
N PRO A 330 -14.23 11.49 -7.45
CA PRO A 330 -13.92 12.91 -7.32
C PRO A 330 -12.62 13.20 -6.55
N TRP A 331 -12.33 12.43 -5.51
CA TRP A 331 -11.21 12.70 -4.57
C TRP A 331 -9.87 12.35 -5.22
N PHE A 332 -9.86 11.73 -6.41
CA PHE A 332 -8.59 11.47 -7.12
C PHE A 332 -7.97 12.82 -7.50
N ALA A 333 -8.77 13.87 -7.74
CA ALA A 333 -8.30 15.21 -8.14
C ALA A 333 -7.46 15.84 -7.02
N ASP A 334 -7.72 15.45 -5.78
CA ASP A 334 -6.97 15.92 -4.59
C ASP A 334 -5.86 14.94 -4.21
N ALA A 335 -5.82 13.73 -4.79
CA ALA A 335 -4.88 12.68 -4.35
C ALA A 335 -3.48 12.90 -4.94
N LEU A 336 -3.33 13.61 -6.06
CA LEU A 336 -2.01 13.76 -6.75
C LEU A 336 -0.96 14.32 -5.77
N PRO A 337 -1.15 15.48 -5.12
CA PRO A 337 -0.13 15.98 -4.19
C PRO A 337 0.15 15.06 -2.99
N VAL A 338 -0.84 14.28 -2.57
CA VAL A 338 -0.63 13.27 -1.49
C VAL A 338 0.38 12.22 -1.99
N VAL A 339 0.16 11.69 -3.19
CA VAL A 339 1.04 10.66 -3.81
C VAL A 339 2.42 11.27 -4.05
N GLU A 340 2.46 12.50 -4.55
CA GLU A 340 3.72 13.20 -4.94
C GLU A 340 4.62 13.40 -3.71
N THR A 341 4.04 13.53 -2.52
CA THR A 341 4.76 13.93 -1.28
C THR A 341 4.89 12.77 -0.31
N ALA A 342 4.38 11.60 -0.68
CA ALA A 342 4.30 10.40 0.20
C ALA A 342 5.73 9.97 0.52
N LYS A 343 5.98 9.60 1.77
CA LYS A 343 7.33 9.15 2.18
C LYS A 343 7.52 7.70 1.72
N ALA A 344 8.74 7.33 1.35
CA ALA A 344 9.07 5.98 0.81
C ALA A 344 9.70 5.12 1.90
N ARG A 345 9.25 3.87 1.98
CA ARG A 345 10.00 2.77 2.64
C ARG A 345 11.40 2.69 2.03
N PRO A 346 12.39 2.35 2.86
CA PRO A 346 13.80 2.29 2.47
C PRO A 346 14.00 1.47 1.19
N VAL A 347 14.80 2.02 0.28
CA VAL A 347 15.25 1.32 -0.94
C VAL A 347 16.47 0.49 -0.55
N THR A 348 16.38 -0.84 -0.64
CA THR A 348 17.48 -1.77 -0.31
C THR A 348 17.17 -3.13 -0.91
N PRO A 349 18.20 -3.81 -1.45
CA PRO A 349 18.06 -5.21 -1.83
C PRO A 349 17.62 -6.11 -0.67
N ARG A 350 18.00 -5.74 0.55
CA ARG A 350 17.70 -6.53 1.78
C ARG A 350 16.36 -6.10 2.40
N TYR A 351 15.45 -5.52 1.62
CA TYR A 351 14.17 -4.97 2.13
C TYR A 351 13.41 -6.04 2.95
N ASN A 352 13.35 -7.30 2.49
CA ASN A 352 12.60 -8.39 3.18
C ASN A 352 13.08 -8.51 4.64
N GLU A 353 14.36 -8.24 4.93
CA GLU A 353 14.87 -8.31 6.33
C GLU A 353 14.41 -7.09 7.12
N VAL A 354 14.37 -5.91 6.49
CA VAL A 354 13.86 -4.64 7.09
C VAL A 354 12.41 -4.88 7.48
N SER A 355 11.59 -5.29 6.50
CA SER A 355 10.15 -5.50 6.70
C SER A 355 9.93 -6.47 7.85
N GLU A 356 10.69 -7.58 7.88
CA GLU A 356 10.45 -8.71 8.80
C GLU A 356 10.60 -8.21 10.23
N THR A 357 11.68 -7.45 10.48
N THR A 357 11.64 -7.42 10.54
CA THR A 357 12.04 -6.81 11.77
CA THR A 357 11.85 -6.95 11.94
C THR A 357 10.90 -5.88 12.21
C THR A 357 10.83 -5.85 12.28
N ILE A 358 10.47 -4.98 11.32
CA ILE A 358 9.51 -3.89 11.68
C ILE A 358 8.13 -4.49 11.91
N ARG A 359 7.60 -5.29 10.98
CA ARG A 359 6.21 -5.80 11.08
C ARG A 359 6.08 -6.70 12.32
N THR A 360 7.07 -7.51 12.63
CA THR A 360 6.96 -8.47 13.79
C THR A 360 7.05 -7.65 15.07
N THR A 361 7.76 -6.53 15.07
CA THR A 361 7.85 -5.66 16.27
C THR A 361 6.49 -4.99 16.48
N VAL A 362 5.92 -4.38 15.44
CA VAL A 362 4.56 -3.77 15.53
C VAL A 362 3.54 -4.79 16.05
N ASN A 363 3.52 -5.99 15.46
CA ASN A 363 2.54 -7.05 15.79
C ASN A 363 2.70 -7.45 17.28
N GLY A 364 3.95 -7.59 17.72
CA GLY A 364 4.28 -7.99 19.09
C GLY A 364 3.82 -6.96 20.10
N VAL A 365 4.11 -5.68 19.83
CA VAL A 365 3.67 -4.56 20.71
C VAL A 365 2.14 -4.60 20.81
N LEU A 366 1.41 -4.75 19.68
CA LEU A 366 -0.06 -4.68 19.68
C LEU A 366 -0.68 -5.93 20.31
N ALA A 367 0.00 -7.07 20.23
CA ALA A 367 -0.44 -8.35 20.86
C ALA A 367 -0.08 -8.32 22.34
N GLY A 368 0.66 -7.30 22.80
CA GLY A 368 1.05 -7.18 24.22
C GLY A 368 2.23 -8.04 24.60
N VAL A 369 2.85 -8.73 23.63
CA VAL A 369 4.04 -9.64 23.79
C VAL A 369 5.28 -8.80 24.14
N MET A 370 5.37 -7.55 23.67
CA MET A 370 6.48 -6.64 24.07
C MET A 370 6.01 -5.20 24.23
N THR A 371 6.65 -4.49 25.16
CA THR A 371 6.47 -3.04 25.42
C THR A 371 7.04 -2.26 24.24
N PRO A 372 6.49 -1.06 23.95
CA PRO A 372 7.05 -0.17 22.92
C PRO A 372 8.55 0.08 23.07
N GLU A 373 9.03 0.23 24.32
CA GLU A 373 10.45 0.50 24.62
C GLU A 373 11.30 -0.69 24.17
N ASP A 374 10.92 -1.91 24.54
CA ASP A 374 11.69 -3.15 24.23
C ASP A 374 11.59 -3.39 22.71
N GLY A 375 10.40 -3.18 22.14
CA GLY A 375 10.14 -3.26 20.68
C GLY A 375 11.13 -2.42 19.91
N ALA A 376 11.27 -1.13 20.25
CA ALA A 376 12.15 -0.14 19.57
C ALA A 376 13.60 -0.60 19.66
N LYS A 377 14.06 -1.04 20.83
CA LYS A 377 15.45 -1.50 21.10
C LYS A 377 15.79 -2.67 20.17
N GLN A 378 14.95 -3.70 20.16
CA GLN A 378 15.09 -4.98 19.39
C GLN A 378 15.05 -4.66 17.89
N MET A 379 14.17 -3.74 17.50
CA MET A 379 14.05 -3.29 16.08
C MET A 379 15.37 -2.64 15.64
N GLU A 380 15.90 -1.72 16.45
CA GLU A 380 17.14 -0.96 16.09
C GLU A 380 18.33 -1.92 15.99
N SER A 381 18.47 -2.87 16.92
CA SER A 381 19.56 -3.89 16.91
C SER A 381 19.50 -4.67 15.60
N ARG A 382 18.31 -5.10 15.20
CA ARG A 382 18.10 -5.98 14.00
C ARG A 382 18.35 -5.15 12.73
N LEU A 383 17.86 -3.90 12.67
CA LEU A 383 18.05 -3.03 11.48
C LEU A 383 19.53 -2.71 11.27
N ARG A 384 20.30 -2.54 12.36
CA ARG A 384 21.76 -2.26 12.35
C ARG A 384 22.51 -3.33 11.55
N ARG A 385 22.10 -4.60 11.62
CA ARG A 385 22.79 -5.74 10.96
C ARG A 385 22.40 -5.79 9.48
N VAL A 386 21.42 -4.98 9.06
CA VAL A 386 20.78 -5.05 7.72
C VAL A 386 21.02 -3.75 6.92
N LEU A 387 20.95 -2.60 7.57
CA LEU A 387 21.29 -1.29 6.94
C LEU A 387 22.60 -0.81 7.57
#